data_2I02
#
_entry.id   2I02
#
_cell.length_a   103.646
_cell.length_b   103.646
_cell.length_c   109.695
_cell.angle_alpha   90.000
_cell.angle_beta   90.000
_cell.angle_gamma   120.000
#
_symmetry.space_group_name_H-M   'P 63 2 2'
#
loop_
_entity.id
_entity.type
_entity.pdbx_description
1 polymer 'general stress protein of COG3871'
2 non-polymer 'FLAVIN MONONUCLEOTIDE'
3 non-polymer 3,6,9,12,15,18-HEXAOXAICOSANE-1,20-DIOL
4 non-polymer 'CHLORIDE ION'
5 water water
#
_entity_poly.entity_id   1
_entity_poly.type   'polypeptide(L)'
_entity_poly.pdbx_seq_one_letter_code
;G(MSE)ATSTDRTQEIQKLHELIKNIDYG(MSE)FTTVDDDGSLHSYP(MSE)SKSGDINSEATLWFFTYAGSHKVTEIE
HHEQVNVSFSSPEQQRYVSISGTSQLVKDRNK(MSE)RELWKPELQTWFPKGLDEPDIALLKVNINQVNYWDSTSSFKPQ
TISF
;
_entity_poly.pdbx_strand_id   A,B
#
loop_
_chem_comp.id
_chem_comp.type
_chem_comp.name
_chem_comp.formula
CL non-polymer 'CHLORIDE ION' 'Cl -1'
FMN non-polymer 'FLAVIN MONONUCLEOTIDE' 'C17 H21 N4 O9 P'
P33 non-polymer 3,6,9,12,15,18-HEXAOXAICOSANE-1,20-DIOL 'C14 H30 O8'
#
# COMPACT_ATOMS: atom_id res chain seq x y z
N THR A 6 -28.24 2.31 6.16
CA THR A 6 -28.88 3.62 5.79
C THR A 6 -28.00 4.35 4.76
N ASP A 7 -27.51 5.53 5.12
CA ASP A 7 -26.28 6.04 4.53
C ASP A 7 -25.20 4.97 4.66
N ARG A 8 -25.21 4.25 5.79
CA ARG A 8 -24.26 3.18 6.05
C ARG A 8 -24.34 2.05 5.03
N THR A 9 -25.54 1.49 4.83
CA THR A 9 -25.70 0.42 3.86
C THR A 9 -25.28 0.87 2.48
N GLN A 10 -25.52 2.14 2.18
CA GLN A 10 -25.08 2.75 0.95
C GLN A 10 -23.55 2.75 0.85
N GLU A 11 -22.90 3.40 1.82
CA GLU A 11 -21.43 3.40 1.93
C GLU A 11 -20.85 2.01 1.72
N ILE A 12 -21.47 1.00 2.32
CA ILE A 12 -20.99 -0.34 2.15
C ILE A 12 -21.14 -0.77 0.66
N GLN A 13 -22.21 -0.29 0.02
CA GLN A 13 -22.43 -0.51 -1.41
C GLN A 13 -21.38 0.21 -2.30
N LYS A 14 -21.05 1.47 -2.01
CA LYS A 14 -19.96 2.16 -2.75
C LYS A 14 -18.66 1.38 -2.62
N LEU A 15 -18.36 0.95 -1.40
CA LEU A 15 -17.16 0.18 -1.16
C LEU A 15 -17.17 -1.07 -2.00
N HIS A 16 -18.34 -1.73 -2.03
CA HIS A 16 -18.52 -2.89 -2.90
C HIS A 16 -18.25 -2.58 -4.38
N GLU A 17 -18.85 -1.51 -4.90
CA GLU A 17 -18.62 -1.03 -6.28
C GLU A 17 -17.13 -0.86 -6.52
N LEU A 18 -16.42 -0.31 -5.53
CA LEU A 18 -15.02 0.04 -5.70
C LEU A 18 -14.12 -1.17 -5.88
N ILE A 19 -14.24 -2.20 -5.03
CA ILE A 19 -13.21 -3.26 -5.01
C ILE A 19 -13.63 -4.62 -5.58
N LYS A 20 -14.90 -4.74 -5.96
CA LYS A 20 -15.53 -5.95 -6.46
C LYS A 20 -14.68 -6.66 -7.53
N ASN A 21 -14.16 -5.88 -8.47
CA ASN A 21 -13.42 -6.43 -9.59
C ASN A 21 -11.91 -6.25 -9.49
N ILE A 22 -11.38 -6.08 -8.28
CA ILE A 22 -9.92 -6.03 -8.09
C ILE A 22 -9.55 -7.25 -7.23
N ASP A 23 -8.64 -8.07 -7.75
CA ASP A 23 -8.37 -9.42 -7.21
C ASP A 23 -7.46 -9.43 -6.01
N TYR A 24 -6.34 -8.72 -6.10
CA TYR A 24 -5.29 -8.74 -5.08
C TYR A 24 -5.17 -7.33 -4.48
N GLY A 25 -5.05 -7.25 -3.19
CA GLY A 25 -4.72 -5.95 -2.57
C GLY A 25 -3.33 -6.10 -1.97
N MSE A 26 -2.75 -4.97 -1.58
CA MSE A 26 -1.50 -4.97 -0.87
C MSE A 26 -1.83 -4.70 0.60
O MSE A 26 -2.45 -3.67 0.93
CB MSE A 26 -0.55 -3.91 -1.43
CG MSE A 26 -0.04 -4.12 -2.83
SE MSE A 26 0.96 -5.74 -3.01
CE MSE A 26 2.62 -5.26 -2.06
N PHE A 27 -1.49 -5.66 1.45
CA PHE A 27 -1.82 -5.72 2.87
C PHE A 27 -0.63 -5.25 3.66
N THR A 28 -0.76 -4.12 4.36
CA THR A 28 0.35 -3.52 5.06
C THR A 28 0.21 -3.57 6.59
N THR A 29 1.30 -3.94 7.25
CA THR A 29 1.39 -4.04 8.70
C THR A 29 2.58 -3.25 9.22
N VAL A 30 2.63 -3.07 10.53
CA VAL A 30 3.74 -2.44 11.22
C VAL A 30 4.36 -3.45 12.13
N ASP A 31 5.69 -3.50 12.12
CA ASP A 31 6.45 -4.43 12.93
C ASP A 31 6.88 -3.80 14.23
N ASP A 32 7.44 -4.62 15.13
CA ASP A 32 7.86 -4.11 16.45
C ASP A 32 8.91 -3.02 16.37
N ASP A 33 9.70 -3.00 15.31
CA ASP A 33 10.68 -1.91 15.09
C ASP A 33 10.11 -0.68 14.42
N GLY A 34 8.80 -0.63 14.18
CA GLY A 34 8.18 0.51 13.55
C GLY A 34 8.17 0.47 12.04
N SER A 35 8.81 -0.53 11.43
CA SER A 35 8.86 -0.58 9.98
C SER A 35 7.55 -1.13 9.43
N LEU A 36 7.22 -0.73 8.19
CA LEU A 36 5.97 -1.12 7.55
C LEU A 36 6.31 -2.10 6.43
N HIS A 37 5.56 -3.18 6.37
CA HIS A 37 5.77 -4.21 5.31
C HIS A 37 4.43 -4.48 4.65
N SER A 38 4.47 -4.67 3.33
CA SER A 38 3.24 -4.95 2.58
CA SER A 38 3.29 -4.92 2.52
C SER A 38 3.39 -6.27 1.82
N TYR A 39 2.25 -6.92 1.64
CA TYR A 39 2.15 -8.27 1.10
C TYR A 39 0.95 -8.36 0.16
N PRO A 40 1.10 -8.96 -1.02
CA PRO A 40 -0.09 -9.18 -1.85
C PRO A 40 -0.99 -10.23 -1.24
N MSE A 41 -2.29 -9.98 -1.24
CA MSE A 41 -3.26 -10.89 -0.64
CA MSE A 41 -3.23 -10.94 -0.71
C MSE A 41 -4.49 -10.97 -1.54
O MSE A 41 -4.97 -9.95 -2.01
CB MSE A 41 -3.67 -10.40 0.75
CB MSE A 41 -3.54 -10.62 0.75
CG MSE A 41 -2.55 -10.30 1.79
CG MSE A 41 -2.34 -10.82 1.63
SE MSE A 41 -1.76 -12.01 2.24
SE MSE A 41 -2.83 -10.82 3.46
CE MSE A 41 -2.99 -12.56 3.64
CE MSE A 41 -3.65 -12.57 3.51
N SER A 42 -5.00 -12.18 -1.74
CA SER A 42 -6.20 -12.38 -2.52
C SER A 42 -7.41 -12.18 -1.63
N LYS A 43 -8.32 -11.28 -1.98
CA LYS A 43 -9.48 -11.06 -1.12
C LYS A 43 -10.54 -12.15 -1.35
N SER A 44 -11.14 -12.64 -0.27
CA SER A 44 -12.24 -13.62 -0.29
C SER A 44 -13.61 -13.09 0.15
N GLY A 45 -14.68 -13.60 -0.47
CA GLY A 45 -16.04 -13.17 -0.14
C GLY A 45 -16.35 -11.79 -0.71
N ASP A 46 -17.61 -11.37 -0.59
CA ASP A 46 -18.11 -10.14 -1.22
C ASP A 46 -18.42 -9.09 -0.18
N GLU A 50 -21.25 -6.70 5.42
CA GLU A 50 -20.54 -6.07 6.53
C GLU A 50 -19.35 -5.24 6.04
N ALA A 51 -18.94 -4.31 6.88
CA ALA A 51 -17.80 -3.46 6.55
C ALA A 51 -16.58 -4.22 6.97
N THR A 52 -16.36 -5.37 6.32
CA THR A 52 -15.31 -6.33 6.74
C THR A 52 -14.69 -6.92 5.50
N LEU A 53 -13.38 -7.18 5.55
CA LEU A 53 -12.72 -7.92 4.51
C LEU A 53 -12.15 -9.18 5.14
N TRP A 54 -12.00 -10.20 4.32
CA TRP A 54 -11.47 -11.49 4.76
C TRP A 54 -10.37 -11.98 3.85
N PHE A 55 -9.29 -12.52 4.44
CA PHE A 55 -8.18 -13.12 3.68
C PHE A 55 -7.78 -14.41 4.35
N PHE A 56 -7.43 -15.40 3.55
CA PHE A 56 -6.79 -16.61 4.08
C PHE A 56 -5.31 -16.35 4.32
N THR A 57 -4.77 -16.90 5.41
CA THR A 57 -3.36 -16.78 5.74
C THR A 57 -2.90 -18.07 6.45
N TYR A 58 -1.62 -18.16 6.78
CA TYR A 58 -1.09 -19.23 7.65
C TYR A 58 -0.94 -18.59 9.03
N ALA A 59 -1.39 -19.30 10.05
CA ALA A 59 -1.42 -18.74 11.43
C ALA A 59 -0.04 -18.53 11.96
N GLY A 60 0.93 -19.27 11.44
CA GLY A 60 2.31 -19.08 11.83
C GLY A 60 3.09 -18.04 11.04
N SER A 61 2.44 -17.33 10.12
CA SER A 61 3.09 -16.34 9.29
C SER A 61 3.57 -15.10 10.09
N HIS A 62 4.56 -14.43 9.53
CA HIS A 62 5.11 -13.26 10.20
C HIS A 62 4.07 -12.15 10.27
N LYS A 63 3.23 -11.99 9.26
CA LYS A 63 2.21 -10.94 9.28
C LYS A 63 1.25 -11.12 10.46
N VAL A 64 0.98 -12.37 10.84
CA VAL A 64 0.11 -12.63 11.99
C VAL A 64 0.79 -12.20 13.28
N THR A 65 2.09 -12.46 13.41
CA THR A 65 2.82 -12.00 14.57
C THR A 65 2.80 -10.47 14.64
N GLU A 66 2.88 -9.80 13.47
CA GLU A 66 2.78 -8.34 13.45
C GLU A 66 1.43 -7.87 13.94
N ILE A 67 0.37 -8.44 13.38
CA ILE A 67 -0.97 -7.92 13.70
CA ILE A 67 -1.01 -8.02 13.68
C ILE A 67 -1.34 -8.25 15.15
N GLU A 68 -0.75 -9.29 15.71
CA GLU A 68 -0.99 -9.59 17.09
C GLU A 68 -0.42 -8.52 18.04
N HIS A 69 0.63 -7.81 17.64
CA HIS A 69 1.13 -6.71 18.43
C HIS A 69 0.57 -5.35 17.98
N HIS A 70 0.30 -5.20 16.70
CA HIS A 70 -0.27 -3.94 16.19
C HIS A 70 -1.40 -4.27 15.24
N GLU A 71 -2.62 -4.24 15.74
CA GLU A 71 -3.79 -4.74 14.99
C GLU A 71 -4.19 -3.87 13.80
N GLN A 72 -3.84 -2.56 13.83
CA GLN A 72 -4.17 -1.70 12.73
C GLN A 72 -3.39 -2.09 11.48
N VAL A 73 -4.08 -2.14 10.36
CA VAL A 73 -3.51 -2.46 9.07
C VAL A 73 -4.07 -1.56 8.00
N ASN A 74 -3.48 -1.63 6.82
CA ASN A 74 -4.08 -1.01 5.64
C ASN A 74 -4.11 -2.03 4.55
N VAL A 75 -5.19 -2.01 3.78
CA VAL A 75 -5.23 -2.78 2.55
C VAL A 75 -5.50 -1.82 1.42
N SER A 76 -4.61 -1.80 0.42
CA SER A 76 -4.82 -0.95 -0.72
C SER A 76 -5.20 -1.77 -1.95
N PHE A 77 -6.05 -1.21 -2.77
CA PHE A 77 -6.46 -1.85 -4.03
C PHE A 77 -6.25 -0.85 -5.13
N SER A 78 -5.50 -1.22 -6.17
CA SER A 78 -5.32 -0.26 -7.24
C SER A 78 -5.57 -0.87 -8.59
N SER A 79 -6.24 -0.09 -9.46
CA SER A 79 -6.48 -0.49 -10.83
C SER A 79 -6.49 0.74 -11.72
N PRO A 80 -5.35 1.01 -12.38
CA PRO A 80 -5.32 2.01 -13.46
C PRO A 80 -6.39 1.78 -14.51
N GLU A 81 -6.59 0.53 -14.94
CA GLU A 81 -7.56 0.24 -16.01
C GLU A 81 -8.98 0.65 -15.59
N GLN A 82 -9.26 0.52 -14.29
CA GLN A 82 -10.58 0.89 -13.76
C GLN A 82 -10.55 2.28 -13.18
N GLN A 83 -9.44 3.00 -13.37
CA GLN A 83 -9.32 4.34 -12.89
C GLN A 83 -9.66 4.49 -11.39
N ARG A 84 -9.06 3.67 -10.55
CA ARG A 84 -9.33 3.79 -9.13
C ARG A 84 -8.25 3.25 -8.22
N TYR A 85 -8.11 3.94 -7.10
CA TYR A 85 -7.13 3.64 -6.10
C TYR A 85 -7.88 3.70 -4.78
N VAL A 86 -7.76 2.66 -3.96
CA VAL A 86 -8.54 2.58 -2.74
C VAL A 86 -7.62 2.25 -1.57
N SER A 87 -7.74 3.02 -0.50
CA SER A 87 -7.02 2.74 0.75
C SER A 87 -8.02 2.36 1.84
N ILE A 88 -7.86 1.18 2.40
CA ILE A 88 -8.75 0.70 3.45
C ILE A 88 -8.00 0.60 4.77
N SER A 89 -8.36 1.46 5.72
CA SER A 89 -7.77 1.39 7.06
C SER A 89 -8.69 0.60 7.93
N GLY A 90 -8.14 -0.39 8.61
CA GLY A 90 -8.91 -1.24 9.50
C GLY A 90 -8.07 -1.89 10.58
N THR A 91 -8.72 -2.77 11.32
CA THR A 91 -8.02 -3.55 12.33
C THR A 91 -8.21 -5.02 11.96
N SER A 92 -7.18 -5.81 12.21
CA SER A 92 -7.19 -7.19 11.78
C SER A 92 -7.11 -8.12 12.98
N GLN A 93 -7.72 -9.30 12.81
CA GLN A 93 -7.66 -10.29 13.85
C GLN A 93 -7.59 -11.65 13.18
N LEU A 94 -6.89 -12.54 13.86
CA LEU A 94 -6.73 -13.92 13.40
C LEU A 94 -8.00 -14.68 13.78
N VAL A 95 -8.60 -15.37 12.83
CA VAL A 95 -9.83 -16.11 13.04
C VAL A 95 -9.58 -17.56 12.63
N LYS A 96 -9.98 -18.49 13.49
CA LYS A 96 -9.76 -19.94 13.28
C LYS A 96 -11.05 -20.74 13.06
N ASP A 97 -12.12 -20.06 12.76
CA ASP A 97 -13.44 -20.65 12.51
C ASP A 97 -13.55 -21.44 11.22
N ARG A 98 -13.65 -22.75 11.35
CA ARG A 98 -13.71 -23.64 10.19
C ARG A 98 -14.93 -23.43 9.28
N ASN A 99 -16.07 -23.08 9.88
CA ASN A 99 -17.29 -22.81 9.09
C ASN A 99 -17.08 -21.59 8.18
N LYS A 100 -16.52 -20.53 8.72
CA LYS A 100 -16.23 -19.34 7.90
C LYS A 100 -15.25 -19.65 6.78
N MSE A 101 -14.23 -20.44 7.08
CA MSE A 101 -13.32 -20.89 6.04
C MSE A 101 -14.02 -21.65 4.94
O MSE A 101 -13.77 -21.39 3.78
CB MSE A 101 -12.20 -21.73 6.64
CG MSE A 101 -11.19 -20.83 7.33
SE MSE A 101 -9.66 -21.89 7.96
CE MSE A 101 -10.17 -21.96 9.79
N ARG A 102 -14.89 -22.58 5.29
CA ARG A 102 -15.67 -23.28 4.28
C ARG A 102 -16.46 -22.30 3.45
N GLU A 103 -17.11 -21.37 4.13
CA GLU A 103 -17.97 -20.39 3.46
CA GLU A 103 -17.96 -20.38 3.47
C GLU A 103 -17.15 -19.55 2.47
N LEU A 104 -15.93 -19.17 2.84
CA LEU A 104 -15.13 -18.25 2.03
C LEU A 104 -14.17 -18.88 1.03
N TRP A 105 -13.86 -20.16 1.20
CA TRP A 105 -12.91 -20.83 0.32
C TRP A 105 -13.30 -20.74 -1.15
N LYS A 106 -12.33 -20.47 -2.01
CA LYS A 106 -12.52 -20.60 -3.46
C LYS A 106 -11.36 -21.38 -4.06
N PRO A 107 -11.61 -22.18 -5.12
CA PRO A 107 -10.58 -23.05 -5.73
C PRO A 107 -9.29 -22.33 -6.14
N GLU A 108 -9.39 -21.07 -6.52
CA GLU A 108 -8.23 -20.30 -6.92
C GLU A 108 -7.15 -20.21 -5.83
N LEU A 109 -7.59 -20.28 -4.58
CA LEU A 109 -6.67 -20.13 -3.45
C LEU A 109 -5.70 -21.32 -3.30
N GLN A 110 -5.96 -22.40 -3.99
CA GLN A 110 -5.07 -23.56 -3.93
C GLN A 110 -3.64 -23.25 -4.41
N THR A 111 -3.48 -22.20 -5.20
CA THR A 111 -2.17 -21.70 -5.56
C THR A 111 -1.29 -21.39 -4.36
N TRP A 112 -1.86 -20.76 -3.33
CA TRP A 112 -1.08 -20.41 -2.16
C TRP A 112 -1.35 -21.35 -0.99
N PHE A 113 -2.40 -22.17 -1.13
CA PHE A 113 -2.85 -23.16 -0.12
C PHE A 113 -3.10 -24.52 -0.78
N PRO A 114 -2.02 -25.24 -1.12
CA PRO A 114 -2.14 -26.49 -1.90
C PRO A 114 -3.06 -27.56 -1.33
N LYS A 115 -3.07 -27.79 -0.02
CA LYS A 115 -3.98 -28.78 0.56
C LYS A 115 -5.35 -28.16 0.87
N GLY A 116 -5.56 -26.93 0.40
CA GLY A 116 -6.82 -26.25 0.69
C GLY A 116 -7.11 -26.20 2.16
N LEU A 117 -8.35 -26.52 2.52
CA LEU A 117 -8.78 -26.40 3.90
C LEU A 117 -8.17 -27.50 4.77
N ASP A 118 -7.51 -28.48 4.16
CA ASP A 118 -6.74 -29.46 4.91
C ASP A 118 -5.29 -29.02 5.23
N GLU A 119 -4.88 -27.82 4.79
CA GLU A 119 -3.60 -27.25 5.24
C GLU A 119 -3.62 -27.19 6.76
N PRO A 120 -2.62 -27.76 7.45
CA PRO A 120 -2.65 -27.76 8.92
C PRO A 120 -2.61 -26.38 9.53
N ASP A 121 -2.01 -25.41 8.86
CA ASP A 121 -1.83 -24.12 9.46
C ASP A 121 -2.69 -23.00 8.86
N ILE A 122 -3.66 -23.36 8.03
CA ILE A 122 -4.44 -22.35 7.34
C ILE A 122 -5.43 -21.71 8.34
N ALA A 123 -5.63 -20.41 8.22
CA ALA A 123 -6.53 -19.65 9.05
C ALA A 123 -7.02 -18.42 8.25
N LEU A 124 -7.77 -17.56 8.91
CA LEU A 124 -8.29 -16.34 8.32
C LEU A 124 -7.81 -15.10 9.05
N LEU A 125 -7.62 -14.03 8.28
CA LEU A 125 -7.53 -12.69 8.82
C LEU A 125 -8.83 -11.95 8.49
N LYS A 126 -9.44 -11.45 9.53
CA LYS A 126 -10.63 -10.62 9.40
C LYS A 126 -10.15 -9.18 9.54
N VAL A 127 -10.57 -8.33 8.62
CA VAL A 127 -10.24 -6.89 8.71
C VAL A 127 -11.56 -6.12 8.91
N ASN A 128 -11.70 -5.55 10.11
CA ASN A 128 -12.79 -4.62 10.43
C ASN A 128 -12.46 -3.24 9.89
N ILE A 129 -13.27 -2.76 8.95
CA ILE A 129 -12.94 -1.54 8.26
C ILE A 129 -13.32 -0.33 9.07
N ASN A 130 -12.39 0.62 9.20
CA ASN A 130 -12.67 1.84 9.91
C ASN A 130 -12.89 3.01 8.94
N GLN A 131 -12.04 3.08 7.93
CA GLN A 131 -12.08 4.19 6.97
C GLN A 131 -11.65 3.74 5.61
N VAL A 132 -12.32 4.27 4.60
CA VAL A 132 -11.95 4.02 3.22
C VAL A 132 -11.70 5.39 2.59
N ASN A 133 -10.52 5.54 2.00
CA ASN A 133 -10.21 6.71 1.20
C ASN A 133 -10.02 6.24 -0.19
N TYR A 134 -10.67 6.91 -1.14
CA TYR A 134 -10.52 6.50 -2.54
C TYR A 134 -10.40 7.67 -3.51
N TRP A 135 -9.76 7.37 -4.62
CA TRP A 135 -9.52 8.31 -5.70
C TRP A 135 -10.00 7.58 -6.94
N ASP A 136 -10.98 8.14 -7.62
CA ASP A 136 -11.47 7.52 -8.84
C ASP A 136 -12.04 8.46 -9.87
N SER A 137 -12.37 7.92 -11.04
CA SER A 137 -12.90 8.78 -12.11
C SER A 137 -14.17 9.56 -11.66
N THR A 138 -15.03 8.94 -10.85
CA THR A 138 -16.22 9.64 -10.28
C THR A 138 -15.84 10.87 -9.44
N SER A 139 -14.74 10.77 -8.70
CA SER A 139 -14.29 11.84 -7.83
C SER A 139 -13.36 12.82 -8.56
N SER A 140 -13.25 12.69 -9.88
CA SER A 140 -12.18 13.38 -10.63
C SER A 140 -10.81 13.19 -9.97
N PHE A 141 -10.60 12.02 -9.37
CA PHE A 141 -9.35 11.63 -8.68
C PHE A 141 -8.92 12.52 -7.52
N LYS A 142 -9.89 13.22 -6.94
CA LYS A 142 -9.68 13.95 -5.71
C LYS A 142 -10.14 13.03 -4.57
N PRO A 143 -9.49 13.13 -3.40
CA PRO A 143 -9.67 12.14 -2.32
C PRO A 143 -11.10 12.13 -1.73
N GLN A 144 -11.77 10.98 -1.68
CA GLN A 144 -13.10 10.84 -1.11
C GLN A 144 -12.97 9.94 0.10
N THR A 145 -13.85 10.09 1.11
CA THR A 145 -13.72 9.28 2.31
C THR A 145 -15.04 8.70 2.79
N ILE A 146 -14.99 7.46 3.25
CA ILE A 146 -16.14 6.78 3.88
C ILE A 146 -15.62 6.37 5.26
N SER A 147 -16.37 6.65 6.32
CA SER A 147 -15.98 6.26 7.67
C SER A 147 -17.05 5.41 8.32
N PHE A 148 -16.62 4.35 8.99
CA PHE A 148 -17.50 3.50 9.75
C PHE A 148 -17.14 3.66 11.24
N THR B 6 29.93 -2.24 -7.29
CA THR B 6 29.17 -2.88 -6.18
C THR B 6 28.00 -3.70 -6.72
N ASP B 7 27.57 -4.69 -5.93
CA ASP B 7 26.29 -5.35 -6.14
C ASP B 7 25.14 -4.40 -5.77
N ARG B 8 25.48 -3.30 -5.10
CA ARG B 8 24.60 -2.15 -4.92
C ARG B 8 24.00 -1.67 -6.24
N THR B 9 24.88 -1.46 -7.22
CA THR B 9 24.50 -1.09 -8.58
C THR B 9 23.53 -2.09 -9.17
N GLN B 10 23.83 -3.36 -8.97
CA GLN B 10 22.99 -4.43 -9.47
C GLN B 10 21.61 -4.43 -8.77
N GLU B 11 21.59 -4.14 -7.46
CA GLU B 11 20.35 -4.08 -6.70
C GLU B 11 19.49 -2.88 -7.12
N ILE B 12 20.13 -1.74 -7.30
CA ILE B 12 19.43 -0.55 -7.73
C ILE B 12 18.88 -0.79 -9.15
N GLN B 13 19.69 -1.42 -9.99
CA GLN B 13 19.26 -1.77 -11.34
C GLN B 13 18.09 -2.74 -11.30
N LYS B 14 18.14 -3.72 -10.42
CA LYS B 14 17.02 -4.66 -10.29
C LYS B 14 15.76 -3.92 -9.90
N LEU B 15 15.87 -3.03 -8.91
CA LEU B 15 14.69 -2.30 -8.47
C LEU B 15 14.11 -1.45 -9.60
N HIS B 16 14.98 -0.80 -10.38
CA HIS B 16 14.55 -0.01 -11.52
C HIS B 16 13.72 -0.85 -12.50
N GLU B 17 14.23 -2.03 -12.84
CA GLU B 17 13.54 -2.91 -13.76
C GLU B 17 12.18 -3.35 -13.20
N LEU B 18 12.13 -3.57 -11.90
CA LEU B 18 10.89 -3.95 -11.25
C LEU B 18 9.80 -2.87 -11.37
N ILE B 19 10.14 -1.62 -11.09
CA ILE B 19 9.10 -0.60 -10.94
C ILE B 19 9.02 0.41 -12.08
N LYS B 20 9.86 0.28 -13.09
CA LYS B 20 9.95 1.36 -14.06
C LYS B 20 8.62 1.63 -14.80
N ASN B 21 7.83 0.60 -14.97
CA ASN B 21 6.61 0.74 -15.77
C ASN B 21 5.35 0.91 -14.93
N ILE B 22 5.51 1.17 -13.63
CA ILE B 22 4.35 1.30 -12.75
C ILE B 22 4.32 2.71 -12.25
N ASP B 23 3.51 3.53 -12.89
CA ASP B 23 3.56 4.96 -12.62
C ASP B 23 3.06 5.33 -11.23
N TYR B 24 2.01 4.69 -10.73
CA TYR B 24 1.50 5.03 -9.38
C TYR B 24 1.75 3.88 -8.40
N GLY B 25 2.34 4.22 -7.27
CA GLY B 25 2.45 3.31 -6.15
C GLY B 25 1.49 3.81 -5.06
N MSE B 26 1.35 3.01 -4.02
CA MSE B 26 0.50 3.34 -2.87
C MSE B 26 1.46 3.57 -1.71
O MSE B 26 2.21 2.68 -1.35
CB MSE B 26 -0.51 2.21 -2.60
CG MSE B 26 -1.58 2.07 -3.70
SE MSE B 26 -2.70 3.65 -3.87
CE MSE B 26 -3.85 3.58 -2.26
N PHE B 27 1.47 4.80 -1.21
CA PHE B 27 2.40 5.27 -0.22
C PHE B 27 1.70 5.17 1.14
N THR B 28 2.21 4.35 2.05
CA THR B 28 1.53 4.08 3.31
C THR B 28 2.27 4.63 4.52
N THR B 29 1.53 5.35 5.38
CA THR B 29 2.04 5.94 6.60
C THR B 29 1.30 5.37 7.82
N VAL B 30 1.87 5.61 8.98
CA VAL B 30 1.19 5.33 10.26
CA VAL B 30 1.32 5.31 10.32
C VAL B 30 1.09 6.62 11.05
N ASP B 31 -0.08 6.85 11.64
CA ASP B 31 -0.34 8.14 12.29
C ASP B 31 -0.25 8.01 13.82
N ASP B 32 -0.55 9.10 14.52
CA ASP B 32 -0.46 9.13 15.99
C ASP B 32 -1.35 8.11 16.65
N ASP B 33 -2.47 7.76 16.04
CA ASP B 33 -3.41 6.83 16.63
C ASP B 33 -2.99 5.40 16.29
N GLY B 34 -1.96 5.26 15.46
CA GLY B 34 -1.52 3.95 14.95
C GLY B 34 -2.24 3.42 13.74
N SER B 35 -3.10 4.23 13.14
CA SER B 35 -3.79 3.88 11.91
C SER B 35 -2.87 3.99 10.75
N LEU B 36 -3.11 3.14 9.75
CA LEU B 36 -2.34 3.20 8.52
C LEU B 36 -3.17 3.72 7.36
N HIS B 37 -2.67 4.74 6.69
CA HIS B 37 -3.35 5.36 5.54
C HIS B 37 -2.47 5.22 4.34
N SER B 38 -3.05 4.93 3.18
CA SER B 38 -2.24 4.84 1.94
C SER B 38 -2.79 5.82 0.90
N TYR B 39 -1.88 6.28 0.06
CA TYR B 39 -2.12 7.36 -0.84
C TYR B 39 -1.46 7.05 -2.16
N PRO B 40 -2.17 7.29 -3.28
CA PRO B 40 -1.54 7.10 -4.60
C PRO B 40 -0.49 8.17 -4.85
N MSE B 41 0.69 7.76 -5.25
CA MSE B 41 1.82 8.67 -5.46
CA MSE B 41 1.77 8.70 -5.52
C MSE B 41 2.60 8.22 -6.70
O MSE B 41 2.83 7.01 -6.88
CB MSE B 41 2.75 8.68 -4.25
CB MSE B 41 2.63 8.92 -4.26
CG MSE B 41 2.12 9.25 -3.01
CG MSE B 41 1.86 9.55 -3.13
SE MSE B 41 1.70 11.11 -3.16
SE MSE B 41 2.97 10.47 -1.86
CE MSE B 41 3.46 11.81 -2.66
CE MSE B 41 3.30 12.09 -2.89
N SER B 42 3.06 9.17 -7.50
CA SER B 42 3.82 8.86 -8.72
C SER B 42 5.19 9.55 -8.53
N LYS B 43 6.26 8.79 -8.56
CA LYS B 43 7.57 9.35 -8.26
C LYS B 43 8.06 10.17 -9.42
N SER B 44 9.00 11.07 -9.11
CA SER B 44 9.67 11.89 -10.08
C SER B 44 11.08 11.35 -10.25
N GLY B 45 11.47 11.14 -11.50
CA GLY B 45 12.79 10.61 -11.83
C GLY B 45 12.91 9.12 -11.61
N ASP B 46 13.92 8.52 -12.22
CA ASP B 46 14.22 7.10 -12.05
C ASP B 46 15.13 6.96 -10.87
N ILE B 47 15.18 5.77 -10.29
CA ILE B 47 16.20 5.52 -9.26
C ILE B 47 17.55 5.40 -9.96
N ASN B 48 18.59 5.86 -9.27
CA ASN B 48 19.94 5.80 -9.77
C ASN B 48 20.87 6.00 -8.60
N SER B 49 21.98 5.26 -8.59
CA SER B 49 23.00 5.36 -7.54
C SER B 49 22.39 5.28 -6.16
N GLU B 50 21.72 6.35 -5.77
CA GLU B 50 21.02 6.38 -4.52
C GLU B 50 19.74 5.52 -4.62
N ALA B 51 19.55 4.74 -3.59
CA ALA B 51 18.37 3.98 -3.45
C ALA B 51 17.35 4.91 -2.78
N THR B 52 16.93 5.94 -3.52
CA THR B 52 16.00 6.97 -2.99
C THR B 52 14.90 7.26 -3.97
N LEU B 53 13.65 7.32 -3.49
CA LEU B 53 12.54 7.72 -4.32
C LEU B 53 12.15 9.15 -3.94
N TRP B 54 11.70 9.90 -4.94
CA TRP B 54 11.34 11.32 -4.76
C TRP B 54 9.92 11.59 -5.25
N PHE B 55 9.17 12.33 -4.46
CA PHE B 55 7.77 12.67 -4.80
C PHE B 55 7.49 14.14 -4.51
N PHE B 56 6.90 14.87 -5.46
CA PHE B 56 6.44 16.23 -5.16
C PHE B 56 5.20 16.15 -4.28
N THR B 57 5.07 17.15 -3.42
CA THR B 57 3.94 17.27 -2.53
C THR B 57 3.71 18.73 -2.17
N TYR B 58 2.51 19.04 -1.72
CA TYR B 58 2.31 20.24 -0.91
C TYR B 58 2.73 19.93 0.51
N ALA B 59 3.45 20.86 1.11
CA ALA B 59 3.97 20.68 2.45
C ALA B 59 2.82 20.51 3.47
N GLY B 60 1.69 21.14 3.19
CA GLY B 60 0.50 20.97 4.02
C GLY B 60 -0.37 19.75 3.74
N SER B 61 0.04 18.90 2.81
CA SER B 61 -0.70 17.67 2.53
C SER B 61 -0.83 16.87 3.84
N HIS B 62 -2.02 16.32 4.04
CA HIS B 62 -2.26 15.54 5.25
CA HIS B 62 -2.38 15.36 5.08
C HIS B 62 -1.23 14.45 5.53
N LYS B 63 -0.67 13.78 4.52
CA LYS B 63 0.29 12.72 4.74
C LYS B 63 1.57 13.26 5.37
N VAL B 64 1.84 14.55 5.17
CA VAL B 64 3.14 15.10 5.59
C VAL B 64 3.30 15.12 7.10
N THR B 65 2.23 15.51 7.80
CA THR B 65 2.32 15.47 9.22
C THR B 65 2.49 14.04 9.73
N GLU B 66 1.87 13.07 9.07
CA GLU B 66 2.04 11.65 9.48
C GLU B 66 3.51 11.24 9.32
N ILE B 67 4.07 11.58 8.16
CA ILE B 67 5.47 11.21 7.87
C ILE B 67 6.43 11.90 8.82
N GLU B 68 6.20 13.18 9.12
CA GLU B 68 7.01 13.93 10.07
C GLU B 68 7.09 13.23 11.40
N HIS B 69 5.97 12.67 11.85
CA HIS B 69 5.90 12.06 13.17
C HIS B 69 6.19 10.58 13.19
N HIS B 70 6.21 9.95 12.02
CA HIS B 70 6.58 8.54 11.94
C HIS B 70 7.28 8.35 10.60
N GLU B 71 8.61 8.44 10.61
CA GLU B 71 9.34 8.47 9.36
C GLU B 71 9.32 7.15 8.62
N GLN B 72 9.07 6.03 9.28
CA GLN B 72 9.03 4.75 8.59
C GLN B 72 7.77 4.65 7.78
N VAL B 73 7.94 4.34 6.50
CA VAL B 73 6.83 4.24 5.56
C VAL B 73 6.97 2.98 4.72
N ASN B 74 5.95 2.71 3.90
CA ASN B 74 6.02 1.69 2.85
C ASN B 74 5.43 2.26 1.58
N VAL B 75 6.06 1.97 0.44
CA VAL B 75 5.45 2.22 -0.86
C VAL B 75 5.29 0.92 -1.55
N SER B 76 4.08 0.60 -2.00
CA SER B 76 3.89 -0.61 -2.77
C SER B 76 3.57 -0.28 -4.21
N PHE B 77 3.96 -1.20 -5.09
CA PHE B 77 3.70 -1.14 -6.53
C PHE B 77 3.10 -2.45 -6.93
N SER B 78 1.93 -2.36 -7.54
CA SER B 78 1.12 -3.51 -7.95
C SER B 78 0.93 -3.44 -9.45
N SER B 79 1.31 -4.50 -10.14
CA SER B 79 1.16 -4.55 -11.59
C SER B 79 0.58 -5.88 -12.01
N PRO B 80 -0.75 -5.97 -12.01
CA PRO B 80 -1.38 -7.10 -12.66
C PRO B 80 -1.03 -7.16 -14.16
N GLU B 81 -0.87 -6.02 -14.84
CA GLU B 81 -0.38 -6.03 -16.25
C GLU B 81 0.86 -6.95 -16.39
N GLN B 82 1.73 -6.97 -15.35
CA GLN B 82 2.99 -7.71 -15.38
C GLN B 82 3.06 -8.89 -14.43
N GLN B 83 1.95 -9.16 -13.73
CA GLN B 83 1.93 -10.15 -12.66
C GLN B 83 3.11 -9.93 -11.72
N ARG B 84 3.22 -8.71 -11.21
CA ARG B 84 4.32 -8.30 -10.36
C ARG B 84 3.84 -7.39 -9.23
N TYR B 85 4.42 -7.62 -8.04
CA TYR B 85 4.07 -6.93 -6.79
C TYR B 85 5.36 -6.59 -6.04
N VAL B 86 5.46 -5.35 -5.57
CA VAL B 86 6.67 -4.83 -4.93
C VAL B 86 6.33 -4.06 -3.66
N SER B 87 7.01 -4.39 -2.56
CA SER B 87 6.88 -3.70 -1.27
C SER B 87 8.18 -3.04 -0.94
N ILE B 88 8.18 -1.71 -0.83
CA ILE B 88 9.41 -0.97 -0.52
C ILE B 88 9.28 -0.36 0.87
N SER B 89 10.10 -0.86 1.79
CA SER B 89 10.15 -0.31 3.14
CA SER B 89 10.14 -0.30 3.13
C SER B 89 11.31 0.65 3.27
N GLY B 90 11.06 1.78 3.89
CA GLY B 90 12.11 2.76 4.10
C GLY B 90 11.67 3.88 5.02
N THR B 91 12.51 4.89 5.13
CA THR B 91 12.16 6.07 5.91
C THR B 91 11.95 7.21 4.94
N SER B 92 11.04 8.09 5.30
CA SER B 92 10.71 9.25 4.47
C SER B 92 10.83 10.53 5.27
N GLN B 93 11.29 11.58 4.59
CA GLN B 93 11.33 12.94 5.15
C GLN B 93 10.81 13.96 4.14
N LEU B 94 10.21 15.04 4.66
CA LEU B 94 9.86 16.18 3.87
CA LEU B 94 9.85 16.19 3.90
C LEU B 94 11.10 17.07 3.76
N VAL B 95 11.43 17.45 2.53
CA VAL B 95 12.49 18.44 2.29
C VAL B 95 11.97 19.50 1.32
N LYS B 96 12.65 20.64 1.25
CA LYS B 96 12.28 21.71 0.34
C LYS B 96 13.49 22.05 -0.52
N ASP B 97 14.27 21.03 -0.82
CA ASP B 97 15.58 21.23 -1.45
C ASP B 97 15.43 21.84 -2.82
N ARG B 98 15.92 23.05 -2.97
CA ARG B 98 15.71 23.79 -4.21
C ARG B 98 16.33 23.14 -5.44
N ASN B 99 17.56 22.67 -5.34
CA ASN B 99 18.24 22.02 -6.43
C ASN B 99 17.53 20.74 -6.86
N LYS B 100 17.09 19.91 -5.92
CA LYS B 100 16.40 18.67 -6.29
C LYS B 100 15.05 18.97 -6.95
N MSE B 101 14.31 19.95 -6.44
CA MSE B 101 13.09 20.41 -7.12
C MSE B 101 13.31 20.89 -8.55
O MSE B 101 12.54 20.58 -9.47
CB MSE B 101 12.36 21.45 -6.24
CG MSE B 101 11.83 20.77 -5.01
SE MSE B 101 10.44 21.83 -4.12
CE MSE B 101 11.66 22.97 -3.20
N ARG B 102 14.38 21.65 -8.76
CA ARG B 102 14.64 22.14 -10.09
C ARG B 102 15.00 20.97 -10.98
N GLU B 103 15.77 20.04 -10.44
CA GLU B 103 16.17 18.84 -11.18
C GLU B 103 14.97 18.00 -11.60
N LEU B 104 13.99 17.85 -10.70
CA LEU B 104 12.91 16.90 -10.95
C LEU B 104 11.66 17.48 -11.59
N TRP B 105 11.54 18.80 -11.59
CA TRP B 105 10.38 19.45 -12.17
C TRP B 105 10.17 19.09 -13.66
N LYS B 106 8.90 18.90 -13.99
CA LYS B 106 8.47 18.69 -15.38
C LYS B 106 7.22 19.54 -15.58
N PRO B 107 7.07 20.14 -16.78
CA PRO B 107 5.93 21.03 -17.05
C PRO B 107 4.57 20.46 -16.72
N GLU B 108 4.43 19.14 -16.82
CA GLU B 108 3.19 18.44 -16.52
C GLU B 108 2.64 18.76 -15.13
N LEU B 109 3.57 18.95 -14.18
CA LEU B 109 3.21 19.18 -12.77
C LEU B 109 2.39 20.48 -12.58
N GLN B 110 2.39 21.33 -13.60
CA GLN B 110 1.59 22.59 -13.60
C GLN B 110 0.13 22.35 -13.25
N THR B 111 -0.41 21.20 -13.65
CA THR B 111 -1.80 20.91 -13.37
C THR B 111 -2.06 20.90 -11.84
N TRP B 112 -1.15 20.32 -11.08
CA TRP B 112 -1.30 20.28 -9.61
C TRP B 112 -0.64 21.44 -8.90
N PHE B 113 0.39 22.02 -9.53
CA PHE B 113 1.14 23.14 -8.97
C PHE B 113 1.08 24.30 -9.95
N PRO B 114 -0.04 25.03 -9.96
CA PRO B 114 -0.22 26.06 -10.97
C PRO B 114 0.91 27.09 -11.06
N LYS B 115 1.48 27.50 -9.93
CA LYS B 115 2.57 28.49 -9.94
C LYS B 115 3.93 27.79 -10.06
N GLY B 116 3.88 26.49 -10.37
CA GLY B 116 5.10 25.73 -10.55
C GLY B 116 5.97 25.81 -9.31
N LEU B 117 7.26 26.01 -9.51
CA LEU B 117 8.18 26.00 -8.37
C LEU B 117 8.02 27.25 -7.53
N ASP B 118 7.16 28.18 -7.99
CA ASP B 118 6.88 29.39 -7.20
C ASP B 118 5.67 29.22 -6.31
N GLU B 119 5.09 28.03 -6.29
CA GLU B 119 4.08 27.70 -5.28
C GLU B 119 4.74 27.81 -3.92
N PRO B 120 4.19 28.66 -3.04
CA PRO B 120 4.81 28.83 -1.74
C PRO B 120 4.94 27.51 -0.93
N ASP B 121 4.03 26.56 -1.12
CA ASP B 121 3.97 25.36 -0.29
C ASP B 121 4.47 24.08 -0.99
N ILE B 122 5.11 24.24 -2.14
CA ILE B 122 5.62 23.06 -2.88
C ILE B 122 6.83 22.47 -2.12
N ALA B 123 6.91 21.14 -2.13
CA ALA B 123 7.97 20.45 -1.43
C ALA B 123 8.19 19.06 -2.01
N LEU B 124 9.13 18.34 -1.42
CA LEU B 124 9.42 16.97 -1.81
C LEU B 124 9.31 16.01 -0.64
N LEU B 125 8.81 14.80 -0.88
CA LEU B 125 8.99 13.70 0.06
C LEU B 125 10.07 12.81 -0.50
N LYS B 126 11.10 12.52 0.29
CA LYS B 126 12.13 11.57 -0.16
C LYS B 126 11.89 10.27 0.58
N VAL B 127 12.16 9.14 -0.07
CA VAL B 127 12.07 7.87 0.59
C VAL B 127 13.40 7.18 0.44
N ASN B 128 14.07 6.95 1.57
CA ASN B 128 15.32 6.21 1.63
C ASN B 128 15.03 4.73 1.79
N ILE B 129 15.33 3.97 0.76
CA ILE B 129 14.91 2.58 0.72
C ILE B 129 15.78 1.73 1.60
N ASN B 130 15.17 0.95 2.49
CA ASN B 130 15.89 0.02 3.34
C ASN B 130 15.79 -1.43 2.85
N GLN B 131 14.59 -1.86 2.52
CA GLN B 131 14.32 -3.23 2.07
C GLN B 131 13.25 -3.26 0.99
N VAL B 132 13.46 -4.11 0.00
CA VAL B 132 12.47 -4.36 -1.05
C VAL B 132 12.12 -5.83 -1.00
N ASN B 133 10.83 -6.12 -0.98
CA ASN B 133 10.34 -7.47 -1.19
C ASN B 133 9.51 -7.48 -2.44
N TYR B 134 9.71 -8.48 -3.28
CA TYR B 134 8.92 -8.58 -4.49
C TYR B 134 8.47 -10.00 -4.83
N TRP B 135 7.38 -10.05 -5.59
CA TRP B 135 6.78 -11.27 -6.09
C TRP B 135 6.62 -11.11 -7.57
N ASP B 136 7.24 -12.02 -8.31
CA ASP B 136 7.25 -12.01 -9.76
C ASP B 136 6.31 -13.09 -10.25
N SER B 140 6.13 -15.82 -7.03
CA SER B 140 4.97 -15.91 -6.14
C SER B 140 5.34 -16.41 -4.73
N PHE B 141 4.32 -16.79 -3.95
CA PHE B 141 4.30 -16.87 -2.43
C PHE B 141 5.37 -16.13 -1.58
N LYS B 142 6.55 -16.73 -1.35
CA LYS B 142 7.60 -16.00 -0.63
C LYS B 142 8.20 -14.97 -1.56
N PRO B 143 8.49 -13.78 -1.02
CA PRO B 143 9.09 -12.82 -1.89
C PRO B 143 10.53 -13.12 -2.08
N GLN B 144 11.09 -12.44 -3.06
CA GLN B 144 12.50 -12.23 -3.17
C GLN B 144 12.78 -10.94 -2.40
N THR B 145 13.93 -10.84 -1.76
CA THR B 145 14.26 -9.64 -0.97
C THR B 145 15.54 -8.97 -1.48
N ILE B 146 15.53 -7.65 -1.55
CA ILE B 146 16.75 -6.89 -1.79
C ILE B 146 16.93 -6.00 -0.58
N SER B 147 18.09 -6.06 0.05
CA SER B 147 18.36 -5.14 1.16
C SER B 147 19.37 -4.08 0.73
N PHE B 148 19.10 -2.84 1.12
CA PHE B 148 19.93 -1.69 0.79
C PHE B 148 20.50 -1.05 2.06
N1 FMN C . -0.24 -15.15 1.29
C2 FMN C . -1.21 -15.48 2.21
O2 FMN C . -0.85 -15.82 3.39
N3 FMN C . -2.54 -15.41 1.78
C4 FMN C . -2.90 -14.99 0.47
O4 FMN C . -4.08 -14.70 0.16
C4A FMN C . -1.90 -14.69 -0.44
N5 FMN C . -2.20 -14.28 -1.74
C5A FMN C . -1.14 -13.97 -2.61
C6 FMN C . -1.45 -13.56 -3.90
C7 FMN C . -0.42 -13.22 -4.80
C7M FMN C . -0.77 -12.35 -5.98
C8 FMN C . 0.90 -13.34 -4.38
C8M FMN C . 2.03 -12.89 -5.26
C9 FMN C . 1.22 -13.75 -3.09
C9A FMN C . 0.21 -14.05 -2.18
N10 FMN C . 0.49 -14.43 -0.86
C10 FMN C . -0.56 -14.77 -0.01
C1' FMN C . 1.85 -14.41 -0.20
C2' FMN C . 2.02 -13.21 0.76
O2' FMN C . 2.13 -12.07 -0.07
C3' FMN C . 3.23 -13.39 1.69
O3' FMN C . 4.53 -13.46 1.04
C4' FMN C . 3.15 -14.71 2.48
O4' FMN C . 1.89 -14.89 3.10
C5' FMN C . 4.22 -14.79 3.57
O5' FMN C . 4.10 -13.67 4.40
P FMN C . 4.65 -13.68 5.90
O1P FMN C . 3.52 -13.09 6.65
O2P FMN C . 5.06 -15.05 6.40
O3P FMN C . 5.90 -12.80 6.01
O13 P33 D . -8.19 -23.93 14.17
C12 P33 D . -8.43 -23.87 12.77
C11 P33 D . -7.37 -22.98 12.14
O10 P33 D . -6.10 -23.48 12.52
C9 P33 D . -5.05 -22.59 12.14
C8 P33 D . -3.71 -23.17 12.49
O7 P33 D . -3.36 -22.64 13.74
C6 P33 D . -4.04 -23.31 14.82
C5 P33 D . -3.37 -23.08 16.17
O4 P33 D . -4.08 -23.74 17.24
C3 P33 D . -5.50 -23.54 17.25
C2 P33 D . -6.08 -23.72 18.65
O1 P33 D . -7.45 -23.29 18.65
CL CL E . 12.84 3.71 -11.39
C8 P33 F . -2.88 12.27 -6.48
O7 P33 F . -4.00 11.42 -6.73
C6 P33 F . -3.62 10.30 -7.51
C5 P33 F . -4.78 9.66 -8.24
O4 P33 F . -4.64 10.06 -9.61
C3 P33 F . -4.31 9.02 -10.52
C2 P33 F . -3.86 9.67 -11.83
O1 P33 F . -4.97 9.96 -12.69
#